data_4F1O
#
_entry.id   4F1O
#
_cell.length_a   42.323
_cell.length_b   42.323
_cell.length_c   332.678
_cell.angle_alpha   90.00
_cell.angle_beta   90.00
_cell.angle_gamma   90.00
#
_symmetry.space_group_name_H-M   'P 43 21 2'
#
loop_
_entity.id
_entity.type
_entity.pdbx_description
1 polymer 'Serine/threonine-protein kinase roco4'
2 non-polymer 'PHOSPHOMETHYLPHOSPHONIC ACID ADENYLATE ESTER'
3 water water
#
_entity_poly.entity_id   1
_entity_poly.type   'polypeptide(L)'
_entity_poly.pdbx_seq_one_letter_code
;GAMGGSEFPKSRLPTLADNEIEYEKQIGKGGFGLVHKGRLVKDKSVVAIKSLILGDSEGETEMIEKFQEFQREVFIMSNL
NHPNIVKLYGLMHNPPRMVMEFVPCGDLYHRLLDKAHPIKWSVKLRLMLDIALGIEYMQNQNPPIVHRDLRSPNIFLQSL
DENAPVCAKVADFGTSQQSVHSVSGLLGNFQWMAPETIGAEEESYTEKADTYSFAMILYTILTGEGPFDEYSYGKIKFIN
MIREEGLRPTIPEDCPPRLRNVIELCWSGDPKKRPHFSYIVKELSEL
;
_entity_poly.pdbx_strand_id   A
#
loop_
_chem_comp.id
_chem_comp.type
_chem_comp.name
_chem_comp.formula
ACP non-polymer 'PHOSPHOMETHYLPHOSPHONIC ACID ADENYLATE ESTER' 'C11 H18 N5 O12 P3'
#
# COMPACT_ATOMS: atom_id res chain seq x y z
N ARG A 12 3.05 -20.60 -6.83
CA ARG A 12 1.91 -21.49 -7.22
C ARG A 12 0.56 -20.79 -6.99
N LEU A 13 -0.22 -20.68 -8.06
CA LEU A 13 -1.53 -20.03 -7.99
C LEU A 13 -2.62 -20.91 -8.61
N PRO A 14 -3.63 -21.29 -7.81
CA PRO A 14 -4.76 -22.12 -8.26
C PRO A 14 -5.61 -21.45 -9.33
N THR A 15 -6.32 -22.26 -10.12
CA THR A 15 -7.18 -21.77 -11.17
C THR A 15 -8.65 -21.99 -10.81
N LEU A 16 -9.43 -20.92 -10.86
CA LEU A 16 -10.85 -20.97 -10.60
C LEU A 16 -11.64 -20.81 -11.90
N ALA A 17 -12.63 -21.68 -12.09
CA ALA A 17 -13.49 -21.62 -13.28
C ALA A 17 -14.70 -20.73 -13.01
N ASP A 18 -15.38 -20.33 -14.09
CA ASP A 18 -16.53 -19.42 -14.02
C ASP A 18 -17.67 -19.92 -13.13
N ASN A 19 -17.70 -21.24 -12.88
CA ASN A 19 -18.72 -21.86 -12.04
C ASN A 19 -18.33 -21.96 -10.57
N GLU A 20 -17.04 -21.84 -10.28
CA GLU A 20 -16.53 -21.90 -8.91
C GLU A 20 -16.81 -20.63 -8.11
N ILE A 21 -17.06 -19.53 -8.81
CA ILE A 21 -17.47 -18.27 -8.17
C ILE A 21 -18.77 -17.73 -8.77
N GLU A 22 -19.50 -16.97 -7.97
CA GLU A 22 -20.71 -16.28 -8.43
C GLU A 22 -20.62 -14.77 -8.20
N TYR A 23 -20.85 -14.01 -9.26
CA TYR A 23 -20.77 -12.55 -9.22
C TYR A 23 -21.93 -11.94 -8.45
N GLU A 24 -21.68 -10.78 -7.85
CA GLU A 24 -22.70 -10.05 -7.09
C GLU A 24 -22.95 -8.66 -7.67
N LYS A 25 -21.91 -7.82 -7.67
CA LYS A 25 -22.01 -6.44 -8.17
C LYS A 25 -20.63 -5.88 -8.57
N GLN A 26 -20.64 -4.69 -9.15
CA GLN A 26 -19.40 -4.01 -9.54
C GLN A 26 -19.11 -2.80 -8.65
N ILE A 27 -17.84 -2.64 -8.30
CA ILE A 27 -17.33 -1.47 -7.57
C ILE A 27 -15.94 -1.11 -8.08
N GLY A 28 -15.80 -1.04 -9.40
CA GLY A 28 -14.48 -1.00 -10.06
C GLY A 28 -13.93 0.35 -10.50
N LYS A 29 -12.98 0.85 -9.72
CA LYS A 29 -12.15 1.99 -10.12
C LYS A 29 -10.82 1.49 -10.69
N GLY A 30 -10.84 0.26 -11.20
CA GLY A 30 -9.64 -0.47 -11.61
C GLY A 30 -8.68 0.24 -12.57
N GLY A 31 -7.39 0.10 -12.29
CA GLY A 31 -6.34 0.69 -13.11
C GLY A 31 -6.14 -0.02 -14.44
N PHE A 32 -6.24 -1.34 -14.44
CA PHE A 32 -6.09 -2.15 -15.65
C PHE A 32 -7.37 -2.91 -16.04
N GLY A 33 -8.51 -2.49 -15.51
CA GLY A 33 -9.79 -3.12 -15.83
C GLY A 33 -10.89 -2.77 -14.85
N LEU A 34 -11.68 -3.78 -14.50
CA LEU A 34 -12.83 -3.60 -13.60
C LEU A 34 -12.73 -4.48 -12.36
N VAL A 35 -13.32 -4.00 -11.26
CA VAL A 35 -13.37 -4.76 -10.01
C VAL A 35 -14.82 -5.09 -9.66
N HIS A 36 -15.07 -6.39 -9.41
CA HIS A 36 -16.39 -6.87 -9.04
C HIS A 36 -16.38 -7.54 -7.67
N LYS A 37 -17.51 -7.43 -6.96
CA LYS A 37 -17.71 -8.16 -5.72
C LYS A 37 -18.39 -9.49 -6.04
N GLY A 38 -18.00 -10.55 -5.33
CA GLY A 38 -18.55 -11.88 -5.56
C GLY A 38 -18.34 -12.85 -4.41
N ARG A 39 -18.70 -14.11 -4.65
CA ARG A 39 -18.56 -15.17 -3.64
C ARG A 39 -18.01 -16.47 -4.23
N LEU A 40 -17.14 -17.12 -3.47
CA LEU A 40 -16.71 -18.48 -3.78
C LEU A 40 -17.84 -19.45 -3.44
N VAL A 41 -18.21 -20.28 -4.41
CA VAL A 41 -19.33 -21.23 -4.24
C VAL A 41 -19.05 -22.24 -3.12
N LYS A 42 -17.79 -22.64 -2.98
CA LYS A 42 -17.38 -23.63 -1.98
C LYS A 42 -17.49 -23.12 -0.53
N ASP A 43 -16.83 -22.00 -0.24
CA ASP A 43 -16.76 -21.47 1.12
C ASP A 43 -17.90 -20.50 1.45
N LYS A 44 -18.59 -20.03 0.42
CA LYS A 44 -19.49 -18.86 0.52
C LYS A 44 -18.69 -17.63 0.97
N SER A 45 -17.40 -17.63 0.60
CA SER A 45 -16.46 -16.61 1.01
C SER A 45 -16.56 -15.37 0.11
N VAL A 46 -16.75 -14.21 0.73
CA VAL A 46 -16.86 -12.96 0.01
C VAL A 46 -15.52 -12.59 -0.65
N VAL A 47 -15.57 -12.16 -1.91
CA VAL A 47 -14.37 -12.04 -2.72
C VAL A 47 -14.42 -10.87 -3.73
N ALA A 48 -13.26 -10.26 -3.97
CA ALA A 48 -13.13 -9.21 -4.98
C ALA A 48 -12.48 -9.76 -6.24
N ILE A 49 -13.06 -9.42 -7.39
CA ILE A 49 -12.57 -9.90 -8.68
C ILE A 49 -12.02 -8.73 -9.49
N LYS A 50 -10.70 -8.76 -9.74
CA LYS A 50 -10.03 -7.72 -10.54
C LYS A 50 -9.73 -8.25 -11.94
N SER A 51 -10.46 -7.74 -12.92
CA SER A 51 -10.30 -8.18 -14.31
C SER A 51 -9.30 -7.33 -15.09
N LEU A 52 -8.67 -7.95 -16.07
CA LEU A 52 -7.83 -7.23 -17.01
C LEU A 52 -8.61 -6.96 -18.29
N ILE A 53 -8.96 -5.69 -18.50
CA ILE A 53 -9.71 -5.29 -19.69
C ILE A 53 -8.84 -4.40 -20.57
N LEU A 54 -8.51 -4.92 -21.75
CA LEU A 54 -7.71 -4.20 -22.72
C LEU A 54 -8.60 -3.42 -23.68
N GLY A 55 -8.73 -2.12 -23.42
CA GLY A 55 -9.52 -1.24 -24.27
C GLY A 55 -8.82 -0.97 -25.58
N ASP A 56 -9.23 -1.72 -26.62
CA ASP A 56 -8.66 -1.56 -27.96
C ASP A 56 -9.09 -0.24 -28.59
N SER A 57 -10.24 0.27 -28.15
CA SER A 57 -10.73 1.58 -28.55
C SER A 57 -10.49 2.60 -27.43
N GLU A 58 -9.43 2.38 -26.66
CA GLU A 58 -9.10 3.24 -25.52
C GLU A 58 -7.69 3.81 -25.61
N GLY A 59 -6.68 2.94 -25.59
CA GLY A 59 -5.29 3.37 -25.41
C GLY A 59 -4.30 3.03 -26.49
N GLU A 60 -3.19 3.76 -26.47
CA GLU A 60 -2.04 3.53 -27.35
C GLU A 60 -1.35 2.22 -26.99
N THR A 61 -0.61 1.65 -27.94
CA THR A 61 0.14 0.40 -27.72
C THR A 61 1.10 0.46 -26.51
N GLU A 62 1.48 1.67 -26.11
CA GLU A 62 2.29 1.88 -24.91
C GLU A 62 1.45 1.89 -23.63
N MET A 63 0.19 2.34 -23.75
CA MET A 63 -0.76 2.30 -22.63
C MET A 63 -1.22 0.88 -22.33
N ILE A 64 -1.32 0.07 -23.38
CA ILE A 64 -1.73 -1.34 -23.26
C ILE A 64 -0.65 -2.15 -22.52
N GLU A 65 0.37 -1.47 -22.02
CA GLU A 65 1.38 -2.08 -21.16
C GLU A 65 0.95 -2.04 -19.68
N LYS A 66 -0.36 -2.00 -19.47
CA LYS A 66 -0.94 -2.22 -18.15
C LYS A 66 -1.09 -3.73 -17.90
N PHE A 67 -0.77 -4.51 -18.94
CA PHE A 67 -0.66 -5.95 -18.85
C PHE A 67 0.44 -6.34 -17.86
N GLN A 68 1.57 -5.63 -17.97
CA GLN A 68 2.73 -5.88 -17.10
C GLN A 68 2.44 -5.57 -15.64
N GLU A 69 1.53 -4.62 -15.39
CA GLU A 69 1.06 -4.28 -14.04
C GLU A 69 0.23 -5.43 -13.46
N PHE A 70 -0.76 -5.90 -14.22
CA PHE A 70 -1.56 -7.06 -13.86
C PHE A 70 -0.66 -8.25 -13.57
N GLN A 71 0.33 -8.43 -14.44
CA GLN A 71 1.33 -9.49 -14.31
C GLN A 71 2.19 -9.36 -13.06
N ARG A 72 2.71 -8.16 -12.84
CA ARG A 72 3.58 -7.88 -11.69
C ARG A 72 2.84 -8.14 -10.39
N GLU A 73 1.57 -7.75 -10.36
CA GLU A 73 0.70 -8.00 -9.21
C GLU A 73 0.60 -9.50 -8.93
N VAL A 74 0.15 -10.26 -9.94
CA VAL A 74 0.01 -11.72 -9.82
C VAL A 74 1.29 -12.40 -9.30
N PHE A 75 2.43 -12.06 -9.92
CA PHE A 75 3.72 -12.62 -9.53
C PHE A 75 4.09 -12.35 -8.07
N ILE A 76 3.97 -11.10 -7.65
CA ILE A 76 4.25 -10.72 -6.26
C ILE A 76 3.27 -11.37 -5.29
N MET A 77 1.98 -11.30 -5.62
CA MET A 77 0.91 -11.83 -4.76
C MET A 77 0.99 -13.34 -4.50
N SER A 78 1.49 -14.08 -5.49
CA SER A 78 1.53 -15.55 -5.43
C SER A 78 2.44 -16.10 -4.33
N ASN A 79 3.42 -15.28 -3.91
CA ASN A 79 4.37 -15.69 -2.88
C ASN A 79 4.05 -15.18 -1.47
N LEU A 80 3.09 -14.26 -1.39
CA LEU A 80 2.75 -13.62 -0.12
C LEU A 80 1.57 -14.28 0.59
N ASN A 81 1.77 -14.62 1.86
CA ASN A 81 0.73 -15.18 2.72
C ASN A 81 0.86 -14.65 4.14
N HIS A 82 0.19 -13.52 4.39
CA HIS A 82 0.24 -12.84 5.68
C HIS A 82 -1.12 -12.21 6.01
N PRO A 83 -1.54 -12.27 7.29
CA PRO A 83 -2.82 -11.72 7.73
C PRO A 83 -3.02 -10.23 7.41
N ASN A 84 -1.93 -9.47 7.35
CA ASN A 84 -1.99 -8.03 7.08
C ASN A 84 -1.68 -7.67 5.62
N ILE A 85 -1.81 -8.66 4.74
CA ILE A 85 -1.69 -8.46 3.30
C ILE A 85 -2.87 -9.15 2.62
N VAL A 86 -3.54 -8.42 1.73
CA VAL A 86 -4.69 -8.94 0.99
C VAL A 86 -4.33 -10.25 0.29
N LYS A 87 -5.13 -11.28 0.54
CA LYS A 87 -4.85 -12.63 0.05
C LYS A 87 -5.37 -12.82 -1.37
N LEU A 88 -4.56 -13.49 -2.19
CA LEU A 88 -4.97 -13.90 -3.53
C LEU A 88 -5.45 -15.35 -3.50
N TYR A 89 -6.73 -15.55 -3.80
CA TYR A 89 -7.34 -16.88 -3.78
C TYR A 89 -7.04 -17.71 -5.02
N GLY A 90 -6.90 -17.04 -6.17
CA GLY A 90 -6.60 -17.74 -7.41
C GLY A 90 -6.68 -16.87 -8.65
N LEU A 91 -6.63 -17.53 -9.82
CA LEU A 91 -6.66 -16.86 -11.11
C LEU A 91 -7.77 -17.38 -12.00
N MET A 92 -8.32 -16.49 -12.83
CA MET A 92 -9.32 -16.86 -13.82
C MET A 92 -8.88 -16.43 -15.22
N HIS A 93 -9.41 -17.12 -16.24
CA HIS A 93 -9.10 -16.82 -17.63
C HIS A 93 -10.34 -16.40 -18.39
N ASN A 94 -10.13 -15.63 -19.47
CA ASN A 94 -11.20 -15.11 -20.33
C ASN A 94 -12.30 -14.36 -19.56
N PRO A 95 -11.98 -13.12 -19.10
CA PRO A 95 -10.71 -12.42 -19.21
C PRO A 95 -9.74 -12.80 -18.07
N PRO A 96 -8.45 -12.43 -18.20
CA PRO A 96 -7.51 -12.61 -17.09
C PRO A 96 -8.02 -11.88 -15.83
N ARG A 97 -8.24 -12.64 -14.76
CA ARG A 97 -8.85 -12.10 -13.54
C ARG A 97 -8.15 -12.56 -12.28
N MET A 98 -7.94 -11.61 -11.36
CA MET A 98 -7.43 -11.91 -10.04
C MET A 98 -8.57 -12.06 -9.05
N VAL A 99 -8.54 -13.15 -8.30
CA VAL A 99 -9.55 -13.41 -7.28
C VAL A 99 -8.95 -13.12 -5.90
N MET A 100 -9.29 -11.94 -5.38
CA MET A 100 -8.72 -11.44 -4.11
C MET A 100 -9.78 -11.48 -3.01
N GLU A 101 -9.34 -11.65 -1.76
CA GLU A 101 -10.28 -11.58 -0.62
C GLU A 101 -10.93 -10.21 -0.55
N PHE A 102 -12.22 -10.18 -0.28
CA PHE A 102 -12.95 -8.92 -0.13
C PHE A 102 -12.69 -8.34 1.26
N VAL A 103 -12.27 -7.08 1.28
CA VAL A 103 -12.01 -6.36 2.52
C VAL A 103 -13.15 -5.36 2.72
N PRO A 104 -14.00 -5.59 3.75
CA PRO A 104 -15.35 -5.01 3.85
C PRO A 104 -15.50 -3.56 4.33
N CYS A 105 -14.46 -2.95 4.90
CA CYS A 105 -14.61 -1.61 5.47
C CYS A 105 -13.96 -0.47 4.67
N GLY A 106 -13.80 -0.67 3.36
CA GLY A 106 -13.22 0.33 2.49
C GLY A 106 -11.73 0.50 2.68
N ASP A 107 -11.22 1.67 2.32
CA ASP A 107 -9.80 1.96 2.45
C ASP A 107 -9.51 3.07 3.46
N LEU A 108 -8.25 3.15 3.89
CA LEU A 108 -7.80 4.11 4.90
C LEU A 108 -7.94 5.57 4.49
N TYR A 109 -7.76 5.85 3.20
CA TYR A 109 -7.86 7.22 2.68
C TYR A 109 -9.23 7.83 2.88
N HIS A 110 -10.27 7.09 2.48
CA HIS A 110 -11.65 7.57 2.54
C HIS A 110 -12.19 7.62 3.96
N ARG A 111 -11.77 6.69 4.80
CA ARG A 111 -12.17 6.67 6.21
C ARG A 111 -11.62 7.87 6.98
N LEU A 112 -10.38 8.27 6.67
CA LEU A 112 -9.76 9.42 7.34
C LEU A 112 -10.36 10.76 6.91
N LEU A 113 -11.05 10.77 5.77
CA LEU A 113 -11.75 11.98 5.30
C LEU A 113 -12.91 12.36 6.19
N ASP A 114 -13.41 11.39 6.91
CA ASP A 114 -14.49 11.58 7.79
C ASP A 114 -14.00 12.14 9.13
N LYS A 115 -13.91 13.44 9.15
CA LYS A 115 -13.55 14.33 10.23
C LYS A 115 -14.45 14.37 11.46
N ALA A 116 -15.75 14.31 11.26
CA ALA A 116 -16.77 14.16 12.30
C ALA A 116 -16.67 12.87 13.13
N HIS A 117 -16.07 11.84 12.56
CA HIS A 117 -15.85 10.62 13.26
C HIS A 117 -14.43 10.20 13.31
N PRO A 118 -13.68 10.82 14.18
CA PRO A 118 -12.26 10.46 14.24
C PRO A 118 -12.06 9.06 14.80
N ILE A 119 -11.10 8.34 14.24
CA ILE A 119 -10.70 7.03 14.74
C ILE A 119 -10.06 7.21 16.11
N LYS A 120 -10.49 6.42 17.09
CA LYS A 120 -9.98 6.55 18.45
C LYS A 120 -8.57 5.96 18.60
N TRP A 121 -7.83 6.50 19.56
CA TRP A 121 -6.39 6.24 19.70
C TRP A 121 -5.98 4.77 19.62
N SER A 122 -6.67 3.91 20.35
CA SER A 122 -6.35 2.49 20.38
C SER A 122 -6.53 1.80 19.02
N VAL A 123 -7.52 2.24 18.26
CA VAL A 123 -7.74 1.70 16.91
C VAL A 123 -6.65 2.18 15.95
N LYS A 124 -6.25 3.44 16.07
CA LYS A 124 -5.14 3.98 15.29
C LYS A 124 -3.88 3.13 15.43
N LEU A 125 -3.58 2.74 16.68
CA LEU A 125 -2.42 1.91 16.98
C LEU A 125 -2.52 0.52 16.34
N ARG A 126 -3.72 -0.06 16.38
CA ARG A 126 -3.99 -1.34 15.72
C ARG A 126 -3.70 -1.23 14.23
N LEU A 127 -4.17 -0.17 13.60
CA LEU A 127 -3.93 0.08 12.18
C LEU A 127 -2.44 0.26 11.89
N MET A 128 -1.78 1.11 12.68
CA MET A 128 -0.33 1.33 12.57
C MET A 128 0.47 0.02 12.64
N LEU A 129 0.19 -0.78 13.67
CA LEU A 129 0.88 -2.04 13.89
C LEU A 129 0.56 -3.09 12.82
N ASP A 130 -0.71 -3.15 12.42
CA ASP A 130 -1.16 -4.04 11.34
C ASP A 130 -0.39 -3.83 10.04
N ILE A 131 -0.25 -2.56 9.63
CA ILE A 131 0.47 -2.22 8.41
C ILE A 131 1.97 -2.50 8.57
N ALA A 132 2.50 -2.18 9.75
CA ALA A 132 3.91 -2.42 10.06
C ALA A 132 4.28 -3.90 9.99
N LEU A 133 3.39 -4.76 10.48
CA LEU A 133 3.58 -6.21 10.42
C LEU A 133 3.55 -6.73 8.98
N GLY A 134 2.66 -6.15 8.18
CA GLY A 134 2.55 -6.49 6.77
C GLY A 134 3.82 -6.16 6.02
N ILE A 135 4.28 -4.91 6.18
CA ILE A 135 5.51 -4.45 5.55
C ILE A 135 6.74 -5.19 6.08
N GLU A 136 6.76 -5.48 7.38
CA GLU A 136 7.82 -6.28 7.98
C GLU A 136 7.96 -7.60 7.25
N TYR A 137 6.84 -8.28 7.07
CA TYR A 137 6.75 -9.52 6.31
C TYR A 137 7.35 -9.36 4.91
N MET A 138 6.98 -8.29 4.22
CA MET A 138 7.45 -7.98 2.87
C MET A 138 8.97 -7.85 2.81
N GLN A 139 9.54 -7.16 3.79
CA GLN A 139 10.97 -6.88 3.80
C GLN A 139 11.81 -8.06 4.31
N ASN A 140 11.15 -9.02 4.95
CA ASN A 140 11.81 -10.25 5.38
C ASN A 140 11.85 -11.33 4.30
N GLN A 141 11.24 -11.03 3.15
CA GLN A 141 11.29 -11.91 1.98
C GLN A 141 12.69 -11.91 1.39
N ASN A 142 13.02 -12.98 0.67
CA ASN A 142 14.30 -13.07 -0.04
C ASN A 142 14.07 -13.26 -1.54
N PRO A 143 14.24 -12.20 -2.34
CA PRO A 143 14.60 -10.84 -1.91
C PRO A 143 13.39 -10.04 -1.38
N PRO A 144 13.64 -8.92 -0.67
CA PRO A 144 12.57 -8.10 -0.10
C PRO A 144 11.57 -7.59 -1.13
N ILE A 145 10.31 -7.50 -0.75
CA ILE A 145 9.26 -6.94 -1.60
C ILE A 145 9.22 -5.42 -1.45
N VAL A 146 9.45 -4.71 -2.54
CA VAL A 146 9.29 -3.26 -2.58
C VAL A 146 7.95 -2.95 -3.25
N HIS A 147 7.03 -2.40 -2.46
CA HIS A 147 5.66 -2.12 -2.92
C HIS A 147 5.61 -0.98 -3.94
N ARG A 148 6.43 0.05 -3.69
CA ARG A 148 6.56 1.24 -4.56
C ARG A 148 5.34 2.15 -4.63
N ASP A 149 4.23 1.75 -4.01
CA ASP A 149 3.00 2.55 -4.02
C ASP A 149 2.25 2.51 -2.68
N LEU A 150 3.00 2.59 -1.58
CA LEU A 150 2.41 2.60 -0.26
C LEU A 150 1.82 3.97 0.06
N ARG A 151 0.49 4.01 0.13
CA ARG A 151 -0.27 5.21 0.45
C ARG A 151 -1.63 4.80 1.01
N SER A 152 -2.30 5.74 1.68
CA SER A 152 -3.57 5.46 2.37
C SER A 152 -4.70 4.83 1.52
N PRO A 153 -4.80 5.16 0.21
CA PRO A 153 -5.79 4.43 -0.59
C PRO A 153 -5.48 2.94 -0.78
N ASN A 154 -4.20 2.56 -0.63
CA ASN A 154 -3.78 1.17 -0.80
C ASN A 154 -3.76 0.35 0.50
N ILE A 155 -4.27 0.95 1.57
CA ILE A 155 -4.48 0.23 2.83
C ILE A 155 -5.97 -0.05 2.96
N PHE A 156 -6.33 -1.33 2.90
CA PHE A 156 -7.72 -1.74 3.00
C PHE A 156 -8.08 -2.09 4.45
N LEU A 157 -9.26 -1.66 4.89
CA LEU A 157 -9.68 -1.83 6.27
C LEU A 157 -10.58 -3.05 6.42
N GLN A 158 -10.13 -4.03 7.20
CA GLN A 158 -10.89 -5.24 7.48
C GLN A 158 -11.94 -4.97 8.56
N SER A 159 -11.53 -4.26 9.59
CA SER A 159 -12.39 -3.88 10.70
C SER A 159 -11.80 -2.65 11.41
N LEU A 160 -12.66 -1.93 12.12
CA LEU A 160 -12.21 -0.79 12.92
C LEU A 160 -12.49 -1.02 14.40
N ASP A 161 -12.82 -2.26 14.73
CA ASP A 161 -12.93 -2.72 16.10
C ASP A 161 -11.54 -3.06 16.62
N GLU A 162 -11.19 -2.47 17.76
CA GLU A 162 -9.85 -2.60 18.36
C GLU A 162 -9.48 -4.04 18.74
N ASN A 163 -10.49 -4.89 18.93
CA ASN A 163 -10.28 -6.27 19.36
C ASN A 163 -10.38 -7.29 18.23
N ALA A 164 -10.52 -6.80 17.00
CA ALA A 164 -10.59 -7.66 15.82
C ALA A 164 -9.25 -8.32 15.56
N PRO A 165 -9.27 -9.54 14.96
CA PRO A 165 -8.02 -10.21 14.58
C PRO A 165 -7.18 -9.34 13.64
N VAL A 166 -7.79 -8.84 12.58
CA VAL A 166 -7.12 -8.00 11.59
C VAL A 166 -7.93 -6.74 11.35
N CYS A 167 -7.28 -5.58 11.48
CA CYS A 167 -7.92 -4.29 11.25
C CYS A 167 -7.58 -3.71 9.88
N ALA A 168 -6.32 -3.84 9.48
CA ALA A 168 -5.85 -3.27 8.22
C ALA A 168 -5.02 -4.26 7.40
N LYS A 169 -5.15 -4.16 6.08
CA LYS A 169 -4.39 -5.00 5.15
C LYS A 169 -3.72 -4.16 4.06
N VAL A 170 -2.48 -4.51 3.71
CA VAL A 170 -1.78 -3.86 2.61
C VAL A 170 -2.21 -4.47 1.27
N ALA A 171 -2.50 -3.61 0.29
CA ALA A 171 -3.00 -4.05 -1.00
C ALA A 171 -2.39 -3.31 -2.20
N ASP A 172 -2.77 -3.75 -3.40
CA ASP A 172 -2.38 -3.15 -4.69
C ASP A 172 -0.88 -3.16 -4.95
N PHE A 173 -0.36 -4.35 -5.22
CA PHE A 173 1.06 -4.57 -5.49
C PHE A 173 1.40 -4.48 -6.99
N GLY A 174 0.70 -3.58 -7.69
CA GLY A 174 0.84 -3.44 -9.14
C GLY A 174 2.16 -2.85 -9.60
N THR A 175 2.70 -1.87 -8.91
CA THR A 175 4.00 -1.33 -9.28
C THR A 175 5.11 -1.85 -8.39
N SER A 176 4.82 -2.93 -7.70
CA SER A 176 5.78 -3.57 -6.81
C SER A 176 6.94 -4.24 -7.54
N GLN A 177 8.14 -4.12 -6.95
CA GLN A 177 9.34 -4.74 -7.51
C GLN A 177 10.02 -5.65 -6.50
N GLN A 178 10.41 -6.84 -6.95
CA GLN A 178 11.17 -7.78 -6.14
C GLN A 178 12.43 -8.23 -6.90
N SER A 179 13.56 -7.64 -6.53
CA SER A 179 14.84 -7.96 -7.16
C SER A 179 15.95 -8.08 -6.12
N VAL A 180 16.85 -9.05 -6.34
CA VAL A 180 18.02 -9.24 -5.48
C VAL A 180 19.09 -8.17 -5.78
N HIS A 181 18.89 -7.45 -6.88
CA HIS A 181 19.75 -6.33 -7.27
C HIS A 181 19.08 -5.01 -6.91
N SER A 182 19.67 -3.90 -7.36
CA SER A 182 19.11 -2.56 -7.11
C SER A 182 17.93 -2.26 -8.05
N VAL A 183 17.01 -1.42 -7.57
CA VAL A 183 15.81 -1.05 -8.32
C VAL A 183 15.74 0.46 -8.55
N SER A 184 15.40 0.86 -9.77
CA SER A 184 15.24 2.27 -10.13
C SER A 184 13.90 2.55 -10.81
N GLY A 185 13.62 3.82 -11.06
CA GLY A 185 12.37 4.24 -11.70
C GLY A 185 11.74 5.42 -11.00
N LEU A 186 11.52 6.50 -11.75
CA LEU A 186 10.91 7.72 -11.22
C LEU A 186 9.42 7.52 -10.93
N LEU A 187 9.04 7.76 -9.68
CA LEU A 187 7.66 7.59 -9.24
C LEU A 187 6.93 8.93 -9.17
N GLY A 188 5.61 8.91 -9.38
CA GLY A 188 4.80 10.12 -9.52
C GLY A 188 4.33 10.79 -8.25
N ASN A 189 3.65 10.04 -7.37
CA ASN A 189 2.86 10.56 -6.25
C ASN A 189 3.72 11.00 -5.10
N PHE A 190 4.28 12.17 -5.29
CA PHE A 190 5.42 12.65 -4.59
C PHE A 190 5.30 12.84 -3.09
N GLN A 191 4.12 13.14 -2.63
CA GLN A 191 3.79 13.34 -1.22
C GLN A 191 3.92 12.08 -0.37
N TRP A 192 3.97 10.93 -1.03
CA TRP A 192 4.07 9.65 -0.35
C TRP A 192 5.43 8.96 -0.57
N MET A 193 6.20 9.45 -1.54
CA MET A 193 7.38 8.72 -1.99
C MET A 193 8.71 9.29 -1.54
N ALA A 194 9.66 8.39 -1.30
CA ALA A 194 11.01 8.72 -0.86
C ALA A 194 11.73 9.67 -1.81
N PRO A 195 12.56 10.58 -1.26
CA PRO A 195 13.27 11.58 -2.06
C PRO A 195 14.15 10.98 -3.16
N GLU A 196 14.69 9.79 -2.92
CA GLU A 196 15.56 9.12 -3.89
C GLU A 196 14.79 8.41 -5.01
N THR A 197 13.46 8.49 -4.95
CA THR A 197 12.59 7.89 -5.98
C THR A 197 11.92 8.94 -6.86
N ILE A 198 11.95 10.20 -6.43
CA ILE A 198 11.18 11.27 -7.06
C ILE A 198 12.01 12.29 -7.86
N GLY A 199 13.32 12.29 -7.66
CA GLY A 199 14.22 13.22 -8.34
C GLY A 199 14.54 12.82 -9.77
N ALA A 200 14.98 11.58 -9.95
CA ALA A 200 15.32 11.05 -11.27
C ALA A 200 15.18 9.53 -11.33
N GLU A 201 14.93 9.03 -12.53
CA GLU A 201 14.92 7.59 -12.82
C GLU A 201 16.36 7.06 -12.80
N GLU A 202 17.32 7.96 -12.97
CA GLU A 202 18.74 7.63 -13.11
C GLU A 202 19.43 7.20 -11.80
N GLU A 203 18.71 7.22 -10.68
CA GLU A 203 19.24 6.77 -9.41
C GLU A 203 18.47 5.59 -8.81
N SER A 204 19.21 4.69 -8.16
CA SER A 204 18.64 3.45 -7.63
C SER A 204 18.18 3.57 -6.18
N TYR A 205 17.28 2.67 -5.77
CA TYR A 205 16.74 2.63 -4.41
C TYR A 205 16.36 1.22 -3.98
N THR A 206 16.15 1.03 -2.68
CA THR A 206 15.82 -0.27 -2.11
C THR A 206 14.43 -0.29 -1.47
N GLU A 207 14.19 -1.28 -0.61
CA GLU A 207 12.93 -1.40 0.13
C GLU A 207 12.77 -0.29 1.17
N LYS A 208 13.86 0.41 1.46
CA LYS A 208 13.85 1.55 2.38
C LYS A 208 12.93 2.68 1.93
N ALA A 209 12.63 2.71 0.63
CA ALA A 209 11.65 3.64 0.06
C ALA A 209 10.26 3.40 0.63
N ASP A 210 9.90 2.13 0.81
CA ASP A 210 8.66 1.74 1.45
C ASP A 210 8.62 2.14 2.92
N THR A 211 9.78 2.12 3.57
CA THR A 211 9.91 2.52 4.97
C THR A 211 9.63 4.02 5.11
N TYR A 212 10.04 4.79 4.10
CA TYR A 212 9.73 6.23 4.02
C TYR A 212 8.23 6.44 3.81
N SER A 213 7.65 5.73 2.84
CA SER A 213 6.22 5.80 2.56
C SER A 213 5.38 5.44 3.78
N PHE A 214 5.85 4.46 4.54
CA PHE A 214 5.19 4.02 5.77
C PHE A 214 5.09 5.14 6.81
N ALA A 215 6.16 5.93 6.93
CA ALA A 215 6.19 7.08 7.83
C ALA A 215 5.09 8.09 7.49
N MET A 216 4.85 8.27 6.19
CA MET A 216 3.78 9.14 5.72
C MET A 216 2.40 8.57 6.03
N ILE A 217 2.31 7.25 6.04
CA ILE A 217 1.09 6.55 6.43
C ILE A 217 0.86 6.68 7.94
N LEU A 218 1.94 6.59 8.71
CA LEU A 218 1.88 6.82 10.16
C LEU A 218 1.41 8.24 10.48
N TYR A 219 1.88 9.21 9.71
CA TYR A 219 1.47 10.60 9.86
C TYR A 219 -0.02 10.80 9.57
N THR A 220 -0.50 10.21 8.48
CA THR A 220 -1.89 10.40 8.05
C THR A 220 -2.88 9.77 9.03
N ILE A 221 -2.51 8.64 9.62
CA ILE A 221 -3.32 8.00 10.66
C ILE A 221 -3.34 8.87 11.92
N LEU A 222 -2.17 9.36 12.32
CA LEU A 222 -2.02 10.18 13.52
C LEU A 222 -2.82 11.48 13.47
N THR A 223 -2.77 12.16 12.33
CA THR A 223 -3.38 13.49 12.18
C THR A 223 -4.69 13.49 11.41
N GLY A 224 -4.95 12.40 10.68
CA GLY A 224 -6.11 12.33 9.78
C GLY A 224 -5.96 13.18 8.53
N GLU A 225 -4.79 13.79 8.37
CA GLU A 225 -4.52 14.74 7.30
C GLU A 225 -3.58 14.16 6.25
N GLY A 226 -3.68 14.67 5.02
CA GLY A 226 -2.78 14.28 3.95
C GLY A 226 -1.36 14.73 4.21
N PRO A 227 -0.38 13.83 3.96
CA PRO A 227 1.03 14.22 4.11
C PRO A 227 1.41 15.33 3.14
N PHE A 228 2.00 16.39 3.68
CA PHE A 228 2.42 17.58 2.91
C PHE A 228 1.31 18.57 2.56
N ASP A 229 0.08 18.28 3.01
CA ASP A 229 -1.08 19.15 2.77
C ASP A 229 -0.93 20.56 3.34
N GLU A 230 -0.06 20.71 4.34
CA GLU A 230 0.18 21.99 4.98
C GLU A 230 1.05 22.93 4.13
N TYR A 231 1.68 22.38 3.09
CA TYR A 231 2.53 23.16 2.20
C TYR A 231 1.92 23.28 0.80
N SER A 232 2.32 24.34 0.09
CA SER A 232 1.92 24.54 -1.30
C SER A 232 3.10 25.04 -2.13
N TYR A 233 3.59 24.18 -3.02
CA TYR A 233 4.65 24.52 -3.95
C TYR A 233 4.34 23.95 -5.33
N GLY A 234 4.99 24.50 -6.36
CA GLY A 234 4.98 23.89 -7.69
C GLY A 234 5.78 22.60 -7.63
N LYS A 235 5.47 21.67 -8.54
CA LYS A 235 6.04 20.32 -8.51
C LYS A 235 7.56 20.29 -8.31
N ILE A 236 8.28 21.05 -9.14
CA ILE A 236 9.74 21.10 -9.09
C ILE A 236 10.26 21.65 -7.75
N LYS A 237 9.66 22.74 -7.29
CA LYS A 237 10.02 23.32 -5.99
C LYS A 237 9.70 22.35 -4.85
N PHE A 238 8.56 21.66 -4.96
CA PHE A 238 8.15 20.69 -3.93
C PHE A 238 9.13 19.52 -3.84
N ILE A 239 9.50 18.96 -4.99
CA ILE A 239 10.48 17.86 -5.05
C ILE A 239 11.85 18.29 -4.50
N ASN A 240 12.25 19.51 -4.80
CA ASN A 240 13.51 20.06 -4.31
C ASN A 240 13.56 20.15 -2.79
N MET A 241 12.49 20.72 -2.21
CA MET A 241 12.36 20.86 -0.77
C MET A 241 12.46 19.52 -0.05
N ILE A 242 11.72 18.52 -0.55
CA ILE A 242 11.74 17.17 0.01
C ILE A 242 13.13 16.54 -0.08
N ARG A 243 13.78 16.68 -1.24
CA ARG A 243 15.09 16.10 -1.48
C ARG A 243 16.23 16.84 -0.78
N GLU A 244 16.35 18.13 -1.05
CA GLU A 244 17.51 18.91 -0.63
C GLU A 244 17.38 19.65 0.70
N GLU A 245 16.15 20.08 1.02
CA GLU A 245 15.92 20.87 2.22
C GLU A 245 15.20 20.11 3.35
N GLY A 246 15.05 18.81 3.17
CA GLY A 246 14.44 17.93 4.17
C GLY A 246 13.02 18.31 4.58
N LEU A 247 12.22 18.80 3.62
CA LEU A 247 10.85 19.20 3.90
C LEU A 247 10.01 17.98 4.29
N ARG A 248 9.41 18.04 5.47
CA ARG A 248 8.58 16.98 5.99
C ARG A 248 7.32 17.57 6.62
N PRO A 249 6.21 16.81 6.65
CA PRO A 249 5.01 17.27 7.33
C PRO A 249 5.27 17.47 8.82
N THR A 250 4.55 18.41 9.43
CA THR A 250 4.78 18.75 10.84
C THR A 250 4.06 17.77 11.76
N ILE A 251 4.84 17.06 12.56
CA ILE A 251 4.31 16.20 13.61
C ILE A 251 3.79 17.09 14.75
N PRO A 252 2.53 16.89 15.15
CA PRO A 252 1.91 17.68 16.21
C PRO A 252 2.65 17.59 17.55
N GLU A 253 2.54 18.65 18.35
CA GLU A 253 3.26 18.78 19.60
C GLU A 253 2.85 17.75 20.66
N ASP A 254 1.62 17.26 20.56
CA ASP A 254 1.07 16.30 21.52
C ASP A 254 1.36 14.83 21.20
N CYS A 255 1.91 14.58 20.00
CA CYS A 255 2.28 13.24 19.57
C CYS A 255 3.22 12.57 20.56
N PRO A 256 2.93 11.30 20.92
CA PRO A 256 3.79 10.53 21.83
C PRO A 256 5.25 10.52 21.35
N PRO A 257 6.20 10.83 22.26
CA PRO A 257 7.63 10.93 21.97
C PRO A 257 8.19 9.75 21.18
N ARG A 258 7.70 8.54 21.45
CA ARG A 258 8.19 7.34 20.78
C ARG A 258 7.66 7.21 19.36
N LEU A 259 6.42 7.65 19.14
CA LEU A 259 5.83 7.68 17.80
C LEU A 259 6.50 8.74 16.92
N ARG A 260 6.77 9.90 17.49
CA ARG A 260 7.47 10.97 16.78
C ARG A 260 8.82 10.49 16.27
N ASN A 261 9.57 9.79 17.14
CA ASN A 261 10.88 9.25 16.79
C ASN A 261 10.83 8.22 15.67
N VAL A 262 9.84 7.31 15.73
CA VAL A 262 9.65 6.31 14.69
C VAL A 262 9.39 6.97 13.34
N ILE A 263 8.52 7.97 13.34
CA ILE A 263 8.16 8.70 12.11
C ILE A 263 9.37 9.43 11.52
N GLU A 264 10.10 10.15 12.37
CA GLU A 264 11.27 10.93 11.96
C GLU A 264 12.40 10.07 11.40
N LEU A 265 12.66 8.93 12.03
CA LEU A 265 13.67 7.99 11.55
C LEU A 265 13.23 7.32 10.24
N CYS A 266 11.93 7.02 10.14
CA CYS A 266 11.40 6.36 8.94
C CYS A 266 11.38 7.26 7.70
N TRP A 267 11.29 8.57 7.88
CA TRP A 267 11.36 9.49 6.73
C TRP A 267 12.70 10.22 6.60
N SER A 268 13.76 9.63 7.16
CA SER A 268 15.11 10.16 7.04
C SER A 268 15.51 10.29 5.57
N GLY A 269 16.15 11.41 5.24
CA GLY A 269 16.64 11.64 3.87
C GLY A 269 17.57 10.53 3.43
N ASP A 270 18.51 10.18 4.31
CA ASP A 270 19.41 9.05 4.12
C ASP A 270 18.67 7.74 4.35
N PRO A 271 18.50 6.92 3.28
CA PRO A 271 17.75 5.66 3.33
C PRO A 271 18.24 4.64 4.37
N LYS A 272 19.54 4.58 4.61
CA LYS A 272 20.10 3.62 5.56
C LYS A 272 19.81 3.95 7.03
N LYS A 273 19.37 5.18 7.29
CA LYS A 273 18.97 5.59 8.64
C LYS A 273 17.52 5.22 8.96
N ARG A 274 16.78 4.80 7.93
CA ARG A 274 15.41 4.30 8.11
C ARG A 274 15.47 2.89 8.72
N PRO A 275 14.88 2.72 9.90
CA PRO A 275 15.02 1.52 10.72
C PRO A 275 14.50 0.24 10.07
N HIS A 276 15.05 -0.89 10.52
CA HIS A 276 14.49 -2.21 10.25
C HIS A 276 13.13 -2.31 10.93
N PHE A 277 12.23 -3.09 10.34
CA PHE A 277 10.85 -3.17 10.84
C PHE A 277 10.69 -3.96 12.14
N SER A 278 11.72 -4.71 12.54
CA SER A 278 11.76 -5.33 13.85
C SER A 278 11.76 -4.25 14.93
N TYR A 279 12.58 -3.22 14.71
CA TYR A 279 12.63 -2.04 15.58
C TYR A 279 11.32 -1.27 15.57
N ILE A 280 10.76 -1.07 14.37
CA ILE A 280 9.52 -0.30 14.18
C ILE A 280 8.32 -0.95 14.88
N VAL A 281 8.15 -2.25 14.66
CA VAL A 281 7.08 -3.02 15.31
C VAL A 281 7.21 -2.96 16.84
N LYS A 282 8.43 -3.16 17.35
CA LYS A 282 8.69 -3.12 18.79
CA LYS A 282 8.69 -3.12 18.79
C LYS A 282 8.35 -1.75 19.39
N GLU A 283 8.78 -0.69 18.72
CA GLU A 283 8.54 0.68 19.18
C GLU A 283 7.06 1.03 19.19
N LEU A 284 6.37 0.70 18.11
CA LEU A 284 4.93 0.95 17.97
C LEU A 284 4.10 0.17 19.00
N SER A 285 4.59 -1.02 19.38
CA SER A 285 3.90 -1.86 20.35
C SER A 285 4.04 -1.34 21.78
N GLU A 286 5.02 -0.46 21.99
CA GLU A 286 5.20 0.17 23.30
C GLU A 286 4.31 1.41 23.48
N LEU A 287 3.65 1.82 22.40
CA LEU A 287 2.75 2.97 22.42
C LEU A 287 1.46 2.67 23.19
PG ACP B . -6.01 4.98 -7.40
O1G ACP B . -5.52 6.01 -6.44
O2G ACP B . -4.98 4.77 -8.64
O3G ACP B . -7.42 5.41 -8.07
PB ACP B . -6.70 2.12 -7.86
O1B ACP B . -7.96 2.53 -8.49
O2B ACP B . -5.52 1.82 -8.71
C3B ACP B . -6.24 3.37 -6.63
PA ACP B . -7.96 -0.35 -7.31
O1A ACP B . -7.81 -1.45 -6.33
O2A ACP B . -7.81 -0.65 -8.75
O3A ACP B . -6.97 0.84 -6.89
O5' ACP B . -9.41 0.32 -7.07
C5' ACP B . -10.61 -0.39 -7.40
C4' ACP B . -11.79 -0.12 -6.42
O4' ACP B . -12.30 -1.42 -5.96
C3' ACP B . -11.44 0.69 -5.16
O3' ACP B . -12.48 1.63 -4.89
C2' ACP B . -11.33 -0.35 -4.04
O2' ACP B . -11.88 0.18 -2.82
C1' ACP B . -12.18 -1.53 -4.52
N9 ACP B . -11.46 -2.78 -4.15
C8 ACP B . -10.40 -3.30 -4.80
N7 ACP B . -10.01 -4.42 -4.19
C5 ACP B . -10.81 -4.62 -3.16
C6 ACP B . -10.89 -5.61 -2.17
N6 ACP B . -10.04 -6.62 -2.17
N1 ACP B . -11.85 -5.53 -1.24
C2 ACP B . -12.72 -4.52 -1.24
N3 ACP B . -12.66 -3.55 -2.16
C4 ACP B . -11.74 -3.59 -3.12
#